data_3AQ3
#
_entry.id   3AQ3
#
_cell.length_a   80.458
_cell.length_b   80.458
_cell.length_c   245.708
_cell.angle_alpha   90.00
_cell.angle_beta   90.00
_cell.angle_gamma   120.00
#
_symmetry.space_group_name_H-M   'P 32 2 1'
#
loop_
_entity.id
_entity.type
_entity.pdbx_description
1 polymer '6b protein'
2 water water
#
_entity_poly.entity_id   1
_entity_poly.type   'polypeptide(L)'
_entity_poly.pdbx_seq_one_letter_code
;GSH(MSE)TVPTWQVRDLRRILRVSELRQHLRQARTDFRSTLSQFVYFNRSVVNPNAYDDEYLLSDQRLTYVYVDEVTAQ
LCGLNRLLPSNSPAFGTVATA(MSE)PPWLLDPQE(MSE)NAILQQSCGQGGFVNYHHGPSTNSFFLAIL(MSE)SQLFI
RIRTDVIRGQGYGWYARLGNYVEEGEDNEGIENEEEEEEEEEETREFQLSDLIHYPIVALGSCHLTR
;
_entity_poly.pdbx_strand_id   A,B,C
#
# COMPACT_ATOMS: atom_id res chain seq x y z
N THR A 8 4.91 18.61 29.76
CA THR A 8 4.40 18.74 28.36
C THR A 8 3.10 19.55 28.32
N TRP A 9 2.89 20.22 27.20
CA TRP A 9 1.70 21.02 26.97
C TRP A 9 0.51 20.12 26.70
N GLN A 10 -0.60 20.39 27.38
CA GLN A 10 -1.86 19.76 26.99
C GLN A 10 -2.71 20.80 26.25
N VAL A 11 -3.09 20.45 25.02
CA VAL A 11 -3.95 21.33 24.22
C VAL A 11 -5.17 21.80 25.02
N ARG A 12 -5.54 23.07 24.85
CA ARG A 12 -6.73 23.58 25.50
C ARG A 12 -7.92 23.28 24.60
N ASP A 13 -8.81 22.41 25.08
CA ASP A 13 -10.00 22.05 24.32
C ASP A 13 -11.13 23.02 24.67
N LEU A 14 -11.37 23.96 23.75
CA LEU A 14 -12.32 25.06 23.95
C LEU A 14 -13.63 24.82 23.22
N ARG A 15 -13.91 23.58 22.84
CA ARG A 15 -15.13 23.26 22.08
C ARG A 15 -16.44 23.47 22.85
N ARG A 16 -16.36 23.59 24.18
CA ARG A 16 -17.56 23.89 24.98
C ARG A 16 -17.50 25.30 25.57
N ILE A 17 -16.57 26.10 25.07
CA ILE A 17 -16.54 27.52 25.39
C ILE A 17 -17.02 28.29 24.17
N LEU A 18 -18.31 28.59 24.13
CA LEU A 18 -18.97 29.02 22.90
C LEU A 18 -19.54 30.42 22.95
N ARG A 19 -19.41 31.10 24.08
CA ARG A 19 -19.75 32.52 24.16
C ARG A 19 -18.52 33.33 23.75
N VAL A 20 -18.69 34.28 22.84
CA VAL A 20 -17.53 34.94 22.21
C VAL A 20 -16.59 35.62 23.22
N SER A 21 -17.14 36.32 24.20
CA SER A 21 -16.32 37.04 25.19
C SER A 21 -15.42 36.10 25.93
N GLU A 22 -16.01 34.98 26.32
CA GLU A 22 -15.36 33.98 27.12
C GLU A 22 -14.35 33.22 26.29
N LEU A 23 -14.67 32.96 25.03
CA LEU A 23 -13.74 32.28 24.15
C LEU A 23 -12.49 33.12 23.97
N ARG A 24 -12.66 34.42 23.71
CA ARG A 24 -11.54 35.35 23.60
C ARG A 24 -10.61 35.32 24.82
N GLN A 25 -11.18 35.29 26.02
CA GLN A 25 -10.40 35.22 27.27
C GLN A 25 -9.61 33.91 27.36
N HIS A 26 -10.25 32.81 26.99
CA HIS A 26 -9.57 31.52 27.02
C HIS A 26 -8.45 31.38 26.01
N LEU A 27 -8.64 31.95 24.82
CA LEU A 27 -7.61 31.90 23.77
C LEU A 27 -6.41 32.78 24.15
N ARG A 28 -6.69 33.95 24.70
CA ARG A 28 -5.66 34.86 25.20
C ARG A 28 -4.82 34.17 26.29
N GLN A 29 -5.49 33.51 27.24
CA GLN A 29 -4.82 32.78 28.32
C GLN A 29 -4.02 31.57 27.81
N ALA A 30 -4.61 30.83 26.87
CA ALA A 30 -3.92 29.69 26.25
C ALA A 30 -2.57 30.10 25.63
N ARG A 31 -2.54 31.22 24.92
CA ARG A 31 -1.31 31.69 24.27
C ARG A 31 -0.26 32.05 25.33
N THR A 32 -0.67 32.81 26.35
CA THR A 32 0.18 33.16 27.48
C THR A 32 0.75 31.94 28.20
N ASP A 33 -0.09 30.96 28.51
CA ASP A 33 0.36 29.70 29.16
C ASP A 33 1.34 28.95 28.28
N PHE A 34 1.02 28.88 26.98
CA PHE A 34 1.88 28.20 26.02
C PHE A 34 3.27 28.86 25.90
N ARG A 35 3.31 30.19 25.80
CA ARG A 35 4.58 30.93 25.74
C ARG A 35 5.48 30.73 26.96
N SER A 36 4.86 30.51 28.12
CA SER A 36 5.63 30.26 29.34
C SER A 36 6.31 28.88 29.30
N THR A 37 5.79 27.96 28.48
CA THR A 37 6.42 26.64 28.32
C THR A 37 7.58 26.68 27.31
N LEU A 38 7.76 27.83 26.66
CA LEU A 38 8.75 27.99 25.58
C LEU A 38 9.97 28.83 25.98
N SER A 39 9.99 29.28 27.23
CA SER A 39 11.13 30.02 27.81
C SER A 39 12.47 29.29 27.57
N GLN A 40 12.43 27.96 27.58
CA GLN A 40 13.50 27.17 26.98
C GLN A 40 12.91 26.18 25.98
N PHE A 41 13.71 25.86 24.94
CA PHE A 41 13.37 24.88 23.89
C PHE A 41 12.15 25.16 22.97
N VAL A 42 12.43 25.39 21.68
CA VAL A 42 11.41 25.72 20.68
C VAL A 42 11.32 24.71 19.52
N TYR A 43 12.15 23.68 19.59
CA TYR A 43 12.07 22.53 18.67
C TYR A 43 11.04 21.54 19.19
N PHE A 44 10.45 20.76 18.28
CA PHE A 44 9.33 19.91 18.64
C PHE A 44 9.28 18.57 17.91
N ASN A 45 9.94 18.49 16.76
CA ASN A 45 9.92 17.26 15.97
C ASN A 45 11.29 16.61 15.83
N ARG A 46 11.35 15.33 16.15
CA ARG A 46 12.63 14.59 16.13
C ARG A 46 13.05 14.17 14.71
N SER A 47 14.35 14.28 14.45
CA SER A 47 14.95 13.91 13.16
C SER A 47 14.66 12.46 12.77
N VAL A 48 14.45 12.25 11.47
CA VAL A 48 14.29 10.92 10.91
C VAL A 48 15.68 10.32 10.67
N VAL A 49 16.62 11.16 10.22
CA VAL A 49 17.97 10.72 9.89
C VAL A 49 18.94 10.70 11.09
N ASN A 50 18.55 11.30 12.21
CA ASN A 50 19.38 11.37 13.41
C ASN A 50 18.63 11.03 14.72
N PRO A 51 19.06 9.95 15.40
CA PRO A 51 18.56 9.63 16.75
C PRO A 51 19.02 10.64 17.81
N ASN A 52 20.11 11.35 17.53
CA ASN A 52 20.66 12.37 18.42
C ASN A 52 19.88 13.68 18.42
N ALA A 53 19.02 13.89 17.41
CA ALA A 53 18.59 15.25 17.06
C ALA A 53 17.08 15.48 16.87
N TYR A 54 16.69 16.75 16.99
CA TYR A 54 15.42 17.25 16.48
C TYR A 54 15.68 17.76 15.07
N ASP A 55 14.62 17.83 14.27
CA ASP A 55 14.73 18.39 12.92
C ASP A 55 14.90 19.91 12.99
N ASP A 56 14.88 20.57 11.83
CA ASP A 56 15.20 21.98 11.76
C ASP A 56 14.04 22.94 12.01
N GLU A 57 12.84 22.41 12.22
CA GLU A 57 11.65 23.26 12.44
C GLU A 57 11.47 23.69 13.90
N TYR A 58 11.35 24.99 14.11
CA TYR A 58 11.12 25.54 15.45
C TYR A 58 9.99 26.60 15.47
N LEU A 59 9.32 26.69 16.62
CA LEU A 59 8.29 27.70 16.85
C LEU A 59 8.88 29.05 17.20
N LEU A 60 8.21 30.10 16.70
CA LEU A 60 8.48 31.47 17.13
C LEU A 60 7.55 31.86 18.28
N SER A 61 8.16 31.97 19.46
CA SER A 61 7.49 32.20 20.73
C SER A 61 6.80 33.56 20.81
N ASP A 62 7.47 34.60 20.32
CA ASP A 62 6.97 35.97 20.41
C ASP A 62 6.08 36.30 19.20
N GLN A 63 4.85 35.81 19.25
CA GLN A 63 3.97 35.83 18.10
C GLN A 63 2.53 35.65 18.58
N ARG A 64 1.59 36.28 17.88
CA ARG A 64 0.15 36.05 18.10
C ARG A 64 -0.30 34.70 17.56
N LEU A 65 -1.37 34.16 18.14
CA LEU A 65 -2.00 32.94 17.61
C LEU A 65 -2.52 33.15 16.20
N THR A 66 -2.33 32.14 15.35
CA THR A 66 -3.04 32.05 14.08
C THR A 66 -3.91 30.79 14.05
N TYR A 67 -4.82 30.76 13.08
CA TYR A 67 -5.88 29.78 13.07
C TYR A 67 -5.85 28.99 11.78
N VAL A 68 -6.06 27.69 11.93
CA VAL A 68 -6.22 26.75 10.83
C VAL A 68 -7.63 26.20 10.98
N TYR A 69 -8.50 26.53 10.01
CA TYR A 69 -9.90 26.14 10.08
C TYR A 69 -10.11 24.74 9.56
N VAL A 70 -10.99 23.99 10.24
CA VAL A 70 -11.16 22.55 9.98
C VAL A 70 -12.61 22.15 10.22
N ASP A 71 -12.95 20.94 9.80
CA ASP A 71 -14.23 20.32 10.09
C ASP A 71 -14.23 19.70 11.50
N GLU A 72 -15.40 19.24 11.95
CA GLU A 72 -15.60 18.74 13.29
C GLU A 72 -14.69 17.56 13.62
N VAL A 73 -14.56 16.61 12.70
CA VAL A 73 -13.82 15.37 12.92
C VAL A 73 -12.30 15.62 12.96
N THR A 74 -11.80 16.42 12.01
CA THR A 74 -10.41 16.85 11.99
C THR A 74 -9.97 17.59 13.27
N ALA A 75 -10.82 18.51 13.76
CA ALA A 75 -10.53 19.22 15.00
C ALA A 75 -10.33 18.22 16.15
N GLN A 76 -11.21 17.25 16.26
CA GLN A 76 -11.01 16.24 17.29
C GLN A 76 -9.80 15.34 17.07
N LEU A 77 -9.60 14.86 15.85
CA LEU A 77 -8.53 13.87 15.60
C LEU A 77 -7.13 14.50 15.60
N CYS A 78 -7.00 15.69 15.03
CA CYS A 78 -5.73 16.40 14.98
C CYS A 78 -5.47 17.22 16.23
N GLY A 79 -6.49 17.96 16.65
CA GLY A 79 -6.37 18.88 17.78
C GLY A 79 -6.00 18.20 19.07
N LEU A 80 -6.49 16.98 19.25
CA LEU A 80 -6.21 16.22 20.47
C LEU A 80 -4.93 15.42 20.39
N ASN A 81 -4.33 15.35 19.20
CA ASN A 81 -3.24 14.43 18.93
C ASN A 81 -1.97 15.05 18.33
N ARG A 82 -1.78 16.35 18.56
CA ARG A 82 -0.59 17.09 18.09
C ARG A 82 -0.34 16.92 16.59
N LEU A 83 -1.39 17.06 15.80
CA LEU A 83 -1.25 16.93 14.36
C LEU A 83 -1.75 18.20 13.66
N LEU A 84 -0.98 18.68 12.69
CA LEU A 84 -1.44 19.79 11.88
C LEU A 84 -1.74 19.25 10.47
N PRO A 85 -2.97 19.44 9.98
CA PRO A 85 -3.29 18.95 8.63
C PRO A 85 -2.93 19.96 7.55
N SER A 86 -2.67 19.46 6.34
CA SER A 86 -2.62 20.34 5.20
C SER A 86 -4.03 20.75 4.78
N ASN A 87 -4.14 21.91 4.16
CA ASN A 87 -5.40 22.36 3.58
C ASN A 87 -5.23 22.90 2.17
N SER A 88 -4.10 22.55 1.54
CA SER A 88 -3.82 22.90 0.14
C SER A 88 -2.84 21.92 -0.48
N PRO A 89 -2.80 21.84 -1.82
CA PRO A 89 -1.91 20.86 -2.44
C PRO A 89 -0.42 21.14 -2.19
N ALA A 90 0.40 20.16 -2.54
CA ALA A 90 1.84 20.16 -2.25
C ALA A 90 2.14 20.40 -0.75
N PHE A 91 1.27 19.83 0.11
CA PHE A 91 1.49 19.71 1.56
C PHE A 91 1.42 21.05 2.31
N GLY A 92 0.65 21.99 1.76
CA GLY A 92 0.59 23.33 2.29
C GLY A 92 -0.44 23.46 3.39
N THR A 93 -0.06 24.17 4.45
CA THR A 93 -0.96 24.53 5.50
C THR A 93 -1.09 26.04 5.56
N VAL A 94 -2.29 26.53 5.27
CA VAL A 94 -2.60 27.94 5.31
C VAL A 94 -3.23 28.33 6.65
N ALA A 95 -2.67 29.35 7.27
CA ALA A 95 -3.20 29.86 8.52
C ALA A 95 -3.46 31.35 8.39
N THR A 96 -4.28 31.86 9.30
CA THR A 96 -4.70 33.25 9.25
C THR A 96 -4.81 33.87 10.63
N ALA A 97 -4.56 35.18 10.69
CA ALA A 97 -4.74 35.95 11.92
C ALA A 97 -6.22 36.20 12.17
N PRO A 99 -9.64 35.75 13.35
CA PRO A 99 -10.11 34.91 14.44
C PRO A 99 -11.46 34.28 14.12
N PRO A 100 -11.81 33.22 14.85
CA PRO A 100 -13.04 32.42 14.65
C PRO A 100 -14.37 33.20 14.67
N TRP A 101 -14.38 34.35 15.33
CA TRP A 101 -15.58 35.19 15.50
C TRP A 101 -15.67 36.40 14.55
N LEU A 102 -14.70 36.57 13.65
CA LEU A 102 -14.67 37.74 12.78
C LEU A 102 -15.73 37.73 11.67
N LEU A 103 -15.74 36.65 10.89
CA LEU A 103 -16.56 36.58 9.69
C LEU A 103 -17.69 35.57 9.80
N ASP A 104 -18.78 35.83 9.08
CA ASP A 104 -19.80 34.81 8.98
C ASP A 104 -19.19 33.53 8.33
N PRO A 105 -19.66 32.34 8.75
CA PRO A 105 -19.05 31.08 8.35
C PRO A 105 -18.99 30.88 6.82
N GLN A 106 -20.02 31.34 6.11
CA GLN A 106 -20.08 31.22 4.66
C GLN A 106 -19.05 32.12 3.98
N GLU A 107 -18.84 33.30 4.56
CA GLU A 107 -17.85 34.23 4.03
C GLU A 107 -16.42 33.77 4.30
N ASN A 109 -15.52 30.65 4.47
CA ASN A 109 -15.36 29.58 3.45
C ASN A 109 -15.03 30.09 2.06
N ALA A 110 -15.78 31.10 1.59
CA ALA A 110 -15.50 31.75 0.31
C ALA A 110 -14.05 32.21 0.19
N ILE A 111 -13.55 32.85 1.24
CA ILE A 111 -12.17 33.35 1.27
C ILE A 111 -11.13 32.22 1.33
N LEU A 112 -11.42 31.16 2.09
CA LEU A 112 -10.50 30.04 2.21
C LEU A 112 -10.35 29.31 0.88
N GLN A 113 -11.44 29.22 0.12
CA GLN A 113 -11.47 28.62 -1.21
C GLN A 113 -10.63 29.39 -2.23
N GLN A 114 -10.65 30.72 -2.13
CA GLN A 114 -9.81 31.60 -2.95
C GLN A 114 -8.33 31.47 -2.56
N SER A 115 -8.10 31.05 -1.31
CA SER A 115 -6.75 31.02 -0.74
C SER A 115 -6.09 29.66 -0.88
N CYS A 116 -6.89 28.60 -0.95
CA CYS A 116 -6.37 27.23 -0.94
C CYS A 116 -6.98 26.38 -2.02
N GLY A 117 -6.14 25.65 -2.75
CA GLY A 117 -6.61 24.70 -3.77
C GLY A 117 -7.02 23.37 -3.18
N GLN A 118 -7.36 22.41 -4.04
CA GLN A 118 -7.81 21.11 -3.61
C GLN A 118 -6.67 20.10 -3.68
N GLY A 119 -6.62 19.16 -2.73
CA GLY A 119 -5.58 18.13 -2.74
C GLY A 119 -4.91 17.93 -1.39
N GLY A 120 -5.14 18.85 -0.46
CA GLY A 120 -4.68 18.71 0.93
C GLY A 120 -5.67 17.92 1.78
N PHE A 121 -5.28 17.62 3.02
CA PHE A 121 -6.13 16.85 3.95
C PHE A 121 -7.49 17.50 4.18
N VAL A 122 -7.50 18.81 4.38
CA VAL A 122 -8.72 19.59 4.49
C VAL A 122 -8.97 20.26 3.13
N ASN A 123 -10.17 20.11 2.60
CA ASN A 123 -10.52 20.71 1.31
C ASN A 123 -11.71 21.67 1.46
N TYR A 124 -11.41 22.97 1.55
CA TYR A 124 -12.40 24.00 1.78
C TYR A 124 -13.44 24.12 0.69
N HIS A 125 -13.16 23.49 -0.46
CA HIS A 125 -14.08 23.44 -1.59
C HIS A 125 -15.28 22.52 -1.31
N HIS A 126 -15.22 21.74 -0.22
CA HIS A 126 -16.39 21.00 0.27
C HIS A 126 -17.43 21.90 0.97
N GLY A 127 -17.08 23.16 1.24
CA GLY A 127 -18.03 24.12 1.78
C GLY A 127 -17.83 24.41 3.26
N PRO A 128 -18.70 25.26 3.85
CA PRO A 128 -18.45 25.85 5.16
C PRO A 128 -18.25 24.86 6.30
N SER A 129 -18.74 23.62 6.15
CA SER A 129 -18.51 22.61 7.19
C SER A 129 -17.01 22.35 7.45
N THR A 130 -16.17 22.61 6.45
CA THR A 130 -14.72 22.45 6.58
C THR A 130 -14.04 23.61 7.32
N ASN A 131 -14.80 24.64 7.68
CA ASN A 131 -14.25 25.71 8.52
C ASN A 131 -15.10 25.97 9.75
N SER A 132 -15.84 24.96 10.19
CA SER A 132 -16.77 25.16 11.32
C SER A 132 -16.08 25.05 12.68
N PHE A 133 -14.81 24.61 12.65
CA PHE A 133 -13.97 24.41 13.82
C PHE A 133 -12.58 24.98 13.51
N PHE A 134 -11.70 25.07 14.52
CA PHE A 134 -10.36 25.65 14.31
C PHE A 134 -9.33 25.02 15.22
N LEU A 135 -8.08 25.08 14.74
CA LEU A 135 -6.89 24.83 15.56
C LEU A 135 -6.10 26.15 15.65
N ALA A 136 -5.76 26.52 16.89
CA ALA A 136 -4.99 27.72 17.15
C ALA A 136 -3.56 27.26 17.36
N ILE A 137 -2.63 27.89 16.64
CA ILE A 137 -1.22 27.53 16.69
C ILE A 137 -0.33 28.76 16.86
N LEU A 138 0.88 28.51 17.34
CA LEU A 138 1.99 29.41 17.10
C LEU A 138 2.75 28.85 15.90
N SER A 140 5.70 28.13 13.09
CA SER A 140 7.14 27.90 12.98
C SER A 140 7.77 28.87 11.99
N GLN A 141 9.10 28.83 11.91
CA GLN A 141 9.84 29.67 10.95
C GLN A 141 9.57 29.30 9.48
N LEU A 142 8.95 28.15 9.25
CA LEU A 142 8.59 27.72 7.88
C LEU A 142 7.33 28.37 7.31
N PHE A 143 6.53 29.02 8.15
CA PHE A 143 5.36 29.75 7.67
C PHE A 143 5.83 31.06 7.07
N ILE A 144 5.32 31.39 5.88
CA ILE A 144 5.60 32.68 5.25
C ILE A 144 4.30 33.47 5.05
N ARG A 145 4.37 34.79 5.22
CA ARG A 145 3.22 35.66 4.96
C ARG A 145 2.92 35.72 3.46
N ILE A 146 1.69 35.37 3.09
CA ILE A 146 1.30 35.32 1.68
C ILE A 146 0.36 36.47 1.25
N ARG A 147 -0.37 37.03 2.21
CA ARG A 147 -1.10 38.28 1.99
C ARG A 147 -1.70 38.90 3.23
N THR A 148 -2.29 40.08 3.03
CA THR A 148 -2.96 40.83 4.07
C THR A 148 -4.38 41.19 3.64
N ASP A 149 -5.37 40.69 4.36
CA ASP A 149 -6.75 41.13 4.14
C ASP A 149 -7.06 42.30 5.06
N VAL A 150 -7.85 43.24 4.57
CA VAL A 150 -8.25 44.39 5.39
C VAL A 150 -9.75 44.31 5.66
N ILE A 151 -10.10 44.15 6.92
CA ILE A 151 -11.50 44.11 7.33
C ILE A 151 -11.75 45.30 8.22
N ARG A 152 -12.49 46.28 7.68
CA ARG A 152 -12.93 47.45 8.44
C ARG A 152 -11.78 48.24 9.05
N GLY A 153 -10.77 48.54 8.22
CA GLY A 153 -9.59 49.30 8.64
C GLY A 153 -8.47 48.48 9.28
N GLN A 154 -8.71 47.21 9.53
CA GLN A 154 -7.76 46.35 10.25
C GLN A 154 -7.19 45.26 9.34
N GLY A 155 -5.86 45.18 9.26
CA GLY A 155 -5.18 44.16 8.45
C GLY A 155 -5.09 42.82 9.16
N TYR A 156 -5.21 41.73 8.38
CA TYR A 156 -5.11 40.35 8.88
C TYR A 156 -4.19 39.56 7.98
N GLY A 157 -3.10 39.06 8.56
CA GLY A 157 -2.14 38.25 7.82
C GLY A 157 -2.67 36.88 7.46
N TRP A 158 -2.26 36.42 6.29
CA TRP A 158 -2.42 35.04 5.86
C TRP A 158 -1.03 34.46 5.68
N TYR A 159 -0.87 33.20 6.03
CA TYR A 159 0.44 32.55 6.11
C TYR A 159 0.37 31.14 5.55
N ALA A 160 1.45 30.68 4.93
CA ALA A 160 1.53 29.32 4.39
C ALA A 160 2.83 28.63 4.78
N ARG A 161 2.69 27.42 5.27
CA ARG A 161 3.79 26.48 5.44
C ARG A 161 3.78 25.56 4.23
N LEU A 162 4.81 25.68 3.40
CA LEU A 162 4.95 24.95 2.14
C LEU A 162 3.80 25.28 1.17
N GLY A 163 3.42 24.31 0.34
CA GLY A 163 2.41 24.53 -0.68
C GLY A 163 2.97 25.31 -1.85
N ASN A 164 2.07 25.80 -2.70
CA ASN A 164 2.48 26.55 -3.88
C ASN A 164 2.23 28.04 -3.64
N TYR A 165 3.08 28.63 -2.81
CA TYR A 165 2.91 30.02 -2.38
C TYR A 165 4.23 30.78 -2.46
N VAL A 166 4.14 32.08 -2.66
CA VAL A 166 5.29 32.98 -2.55
C VAL A 166 5.01 34.05 -1.48
N GLU A 167 6.07 34.58 -0.88
CA GLU A 167 6.01 35.68 0.09
C GLU A 167 5.30 36.91 -0.53
N GLU A 168 4.46 37.58 0.27
CA GLU A 168 3.60 38.66 -0.25
C GLU A 168 4.34 39.87 -0.84
N GLU A 186 18.40 22.07 -3.10
CA GLU A 186 18.56 23.45 -2.67
C GLU A 186 18.08 23.68 -1.25
N GLU A 187 16.89 23.17 -0.92
CA GLU A 187 16.46 23.04 0.47
C GLU A 187 17.34 22.02 1.19
N THR A 188 17.99 22.46 2.27
CA THR A 188 18.92 21.61 3.02
C THR A 188 18.37 21.23 4.41
N ARG A 189 17.27 21.87 4.80
CA ARG A 189 16.70 21.75 6.13
C ARG A 189 15.80 20.53 6.27
N GLU A 190 15.85 19.89 7.44
CA GLU A 190 14.99 18.76 7.70
C GLU A 190 13.68 19.20 8.35
N PHE A 191 12.57 18.83 7.70
CA PHE A 191 11.23 19.10 8.23
C PHE A 191 10.23 18.16 7.57
N GLN A 192 9.04 18.10 8.13
CA GLN A 192 8.01 17.18 7.64
C GLN A 192 7.28 17.72 6.41
N LEU A 193 7.12 16.84 5.42
CA LEU A 193 6.35 17.11 4.22
C LEU A 193 5.31 16.00 4.11
N SER A 194 4.11 16.25 4.64
CA SER A 194 2.99 15.31 4.49
C SER A 194 1.68 16.00 4.79
N ASP A 195 0.59 15.27 4.60
CA ASP A 195 -0.73 15.85 4.79
C ASP A 195 -1.15 15.93 6.23
N LEU A 196 -0.48 15.15 7.09
CA LEU A 196 -0.59 15.32 8.53
C LEU A 196 0.81 15.35 9.13
N ILE A 197 1.12 16.42 9.84
CA ILE A 197 2.45 16.54 10.46
C ILE A 197 2.33 16.67 11.98
N HIS A 198 3.32 16.15 12.68
CA HIS A 198 3.39 16.26 14.13
C HIS A 198 3.73 17.71 14.45
N TYR A 199 2.88 18.35 15.25
CA TYR A 199 2.95 19.79 15.47
C TYR A 199 2.22 20.15 16.76
N PRO A 200 2.81 21.03 17.59
CA PRO A 200 2.15 21.46 18.84
C PRO A 200 0.90 22.29 18.60
N ILE A 201 -0.24 21.83 19.14
CA ILE A 201 -1.49 22.57 19.06
C ILE A 201 -1.76 23.34 20.37
N VAL A 202 -1.94 24.65 20.26
CA VAL A 202 -2.22 25.49 21.45
C VAL A 202 -3.67 25.24 21.94
N ALA A 203 -4.63 25.36 21.03
CA ALA A 203 -6.04 25.20 21.35
C ALA A 203 -6.81 24.65 20.15
N LEU A 204 -7.92 23.99 20.45
CA LEU A 204 -8.92 23.68 19.44
C LEU A 204 -10.27 24.20 19.91
N GLY A 205 -11.14 24.51 18.95
CA GLY A 205 -12.43 25.07 19.29
C GLY A 205 -13.40 25.08 18.15
N SER A 206 -14.56 25.69 18.39
CA SER A 206 -15.64 25.73 17.43
C SER A 206 -15.97 27.16 17.03
N CYS A 207 -16.50 27.32 15.82
CA CYS A 207 -16.91 28.63 15.33
C CYS A 207 -18.40 28.85 15.57
N HIS A 208 -19.07 27.88 16.21
CA HIS A 208 -20.50 27.95 16.51
C HIS A 208 -20.74 28.83 17.75
N LEU A 209 -20.50 30.14 17.61
CA LEU A 209 -20.45 31.03 18.77
C LEU A 209 -21.74 31.83 19.03
N THR A 210 -21.90 32.31 20.27
CA THR A 210 -23.06 33.12 20.67
C THR A 210 -22.60 34.35 21.47
N ARG A 211 -23.52 35.30 21.67
CA ARG A 211 -23.31 36.34 22.69
C ARG A 211 -23.35 35.73 24.12
N THR B 8 -16.47 7.84 -8.14
CA THR B 8 -15.15 7.48 -7.52
C THR B 8 -15.33 6.68 -6.21
N TRP B 9 -14.33 5.85 -5.87
CA TRP B 9 -14.47 4.91 -4.75
C TRP B 9 -14.55 5.55 -3.36
N GLN B 10 -15.63 5.24 -2.63
CA GLN B 10 -15.75 5.61 -1.22
C GLN B 10 -15.45 4.41 -0.33
N VAL B 11 -14.51 4.59 0.59
CA VAL B 11 -14.13 3.53 1.53
C VAL B 11 -15.33 2.98 2.31
N ARG B 12 -15.35 1.67 2.51
CA ARG B 12 -16.34 1.01 3.37
C ARG B 12 -15.92 1.08 4.85
N ASP B 13 -16.65 1.87 5.64
CA ASP B 13 -16.41 1.99 7.07
C ASP B 13 -17.18 0.87 7.76
N LEU B 14 -16.46 -0.14 8.19
CA LEU B 14 -17.10 -1.33 8.75
C LEU B 14 -16.89 -1.44 10.26
N ARG B 15 -16.50 -0.31 10.89
CA ARG B 15 -16.19 -0.28 12.34
C ARG B 15 -17.32 -0.72 13.28
N ARG B 16 -18.57 -0.56 12.85
CA ARG B 16 -19.74 -0.94 13.65
C ARG B 16 -20.10 -2.42 13.51
N ILE B 17 -19.46 -3.11 12.56
CA ILE B 17 -19.72 -4.53 12.31
C ILE B 17 -18.76 -5.39 13.12
N LEU B 18 -19.23 -5.86 14.27
CA LEU B 18 -18.39 -6.53 15.26
C LEU B 18 -18.52 -8.06 15.31
N ARG B 19 -19.49 -8.61 14.57
CA ARG B 19 -19.61 -10.06 14.40
C ARG B 19 -18.70 -10.52 13.26
N VAL B 20 -17.91 -11.56 13.51
CA VAL B 20 -16.93 -12.07 12.54
C VAL B 20 -17.52 -12.45 11.19
N SER B 21 -18.59 -13.26 11.20
CA SER B 21 -19.22 -13.71 9.96
C SER B 21 -19.85 -12.55 9.18
N GLU B 22 -20.39 -11.58 9.91
CA GLU B 22 -20.95 -10.37 9.32
C GLU B 22 -19.84 -9.54 8.65
N LEU B 23 -18.73 -9.35 9.37
CA LEU B 23 -17.58 -8.61 8.85
C LEU B 23 -16.97 -9.25 7.61
N ARG B 24 -16.73 -10.56 7.64
CA ARG B 24 -16.18 -11.30 6.50
C ARG B 24 -17.07 -11.12 5.27
N GLN B 25 -18.38 -11.14 5.49
CA GLN B 25 -19.36 -10.93 4.43
C GLN B 25 -19.16 -9.54 3.79
N HIS B 26 -19.19 -8.49 4.60
CA HIS B 26 -18.98 -7.12 4.14
C HIS B 26 -17.62 -6.87 3.49
N LEU B 27 -16.59 -7.60 3.93
CA LEU B 27 -15.26 -7.48 3.32
C LEU B 27 -15.21 -8.13 1.92
N ARG B 28 -15.91 -9.25 1.76
CA ARG B 28 -16.02 -9.91 0.46
C ARG B 28 -16.70 -9.01 -0.57
N GLN B 29 -17.78 -8.33 -0.14
CA GLN B 29 -18.51 -7.43 -1.01
C GLN B 29 -17.66 -6.20 -1.36
N ALA B 30 -16.96 -5.65 -0.36
CA ALA B 30 -16.03 -4.53 -0.54
C ALA B 30 -14.94 -4.85 -1.58
N ARG B 31 -14.35 -6.03 -1.49
CA ARG B 31 -13.34 -6.44 -2.46
C ARG B 31 -13.94 -6.54 -3.87
N THR B 32 -15.11 -7.15 -3.98
CA THR B 32 -15.80 -7.26 -5.26
C THR B 32 -16.13 -5.89 -5.86
N ASP B 33 -16.70 -5.01 -5.05
CA ASP B 33 -17.06 -3.67 -5.51
C ASP B 33 -15.85 -2.82 -5.87
N PHE B 34 -14.77 -2.92 -5.08
CA PHE B 34 -13.57 -2.17 -5.38
C PHE B 34 -12.92 -2.63 -6.68
N ARG B 35 -12.81 -3.94 -6.88
CA ARG B 35 -12.21 -4.49 -8.09
C ARG B 35 -12.94 -4.03 -9.35
N SER B 36 -14.26 -3.86 -9.25
CA SER B 36 -15.07 -3.41 -10.37
C SER B 36 -14.74 -1.97 -10.80
N THR B 37 -14.03 -1.22 -9.94
CA THR B 37 -13.64 0.15 -10.29
C THR B 37 -12.28 0.22 -11.01
N LEU B 38 -11.63 -0.94 -11.17
CA LEU B 38 -10.23 -0.97 -11.60
C LEU B 38 -10.03 -1.53 -12.99
N SER B 39 -11.07 -1.52 -13.83
CA SER B 39 -10.97 -2.20 -15.11
C SER B 39 -10.21 -1.37 -16.14
N GLN B 40 -10.21 -0.04 -15.98
CA GLN B 40 -9.62 0.86 -16.96
C GLN B 40 -8.18 1.20 -16.59
N PHE B 41 -7.96 1.49 -15.30
CA PHE B 41 -6.62 1.79 -14.83
C PHE B 41 -6.43 1.43 -13.36
N VAL B 42 -5.18 1.16 -12.99
CA VAL B 42 -4.85 0.70 -11.65
C VAL B 42 -3.83 1.58 -10.94
N TYR B 43 -3.38 2.63 -11.63
CA TYR B 43 -2.63 3.71 -10.97
C TYR B 43 -3.54 4.46 -10.01
N PHE B 44 -2.98 5.27 -9.13
CA PHE B 44 -3.77 5.99 -8.15
C PHE B 44 -3.14 7.28 -7.65
N ASN B 45 -1.88 7.53 -8.01
CA ASN B 45 -1.20 8.76 -7.56
C ASN B 45 -0.52 9.45 -8.72
N ARG B 46 -0.86 10.74 -8.89
CA ARG B 46 -0.31 11.58 -9.96
C ARG B 46 1.20 11.70 -9.83
N SER B 47 1.86 11.79 -10.98
CA SER B 47 3.30 11.98 -11.01
C SER B 47 3.64 13.41 -10.58
N VAL B 48 4.74 13.57 -9.87
CA VAL B 48 5.23 14.93 -9.51
C VAL B 48 5.86 15.59 -10.75
N VAL B 49 6.63 14.80 -11.50
CA VAL B 49 7.31 15.27 -12.72
C VAL B 49 6.33 15.64 -13.86
N ASN B 50 5.27 14.86 -14.01
CA ASN B 50 4.25 15.09 -15.04
C ASN B 50 2.84 14.99 -14.45
N PRO B 51 2.31 16.11 -13.90
CA PRO B 51 1.08 16.10 -13.07
C PRO B 51 -0.22 15.68 -13.77
N ASN B 52 -0.24 15.69 -15.11
CA ASN B 52 -1.41 15.21 -15.84
C ASN B 52 -1.40 13.69 -16.03
N ALA B 53 -0.30 13.06 -15.62
CA ALA B 53 -0.17 11.60 -15.68
C ALA B 53 0.16 10.99 -14.33
N TYR B 54 0.34 9.67 -14.30
CA TYR B 54 0.49 8.93 -13.06
C TYR B 54 1.91 8.55 -12.78
N ASP B 55 2.23 8.33 -11.50
CA ASP B 55 3.51 7.74 -11.16
C ASP B 55 3.50 6.22 -11.50
N ASP B 56 4.52 5.51 -11.05
CA ASP B 56 4.74 4.12 -11.47
C ASP B 56 4.07 3.04 -10.63
N GLU B 57 3.41 3.45 -9.57
CA GLU B 57 2.81 2.52 -8.63
C GLU B 57 1.37 2.17 -9.03
N TYR B 58 1.08 0.88 -9.06
CA TYR B 58 -0.25 0.42 -9.47
C TYR B 58 -0.71 -0.75 -8.63
N LEU B 59 -2.03 -0.86 -8.48
CA LEU B 59 -2.65 -1.96 -7.72
C LEU B 59 -2.68 -3.24 -8.51
N LEU B 60 -2.58 -4.36 -7.79
CA LEU B 60 -2.78 -5.67 -8.40
C LEU B 60 -4.24 -6.04 -8.17
N SER B 61 -5.03 -5.89 -9.22
CA SER B 61 -6.50 -5.82 -9.11
C SER B 61 -7.14 -7.12 -8.62
N ASP B 62 -6.49 -8.24 -8.89
CA ASP B 62 -7.08 -9.54 -8.64
C ASP B 62 -6.72 -10.14 -7.29
N GLN B 63 -5.85 -9.47 -6.55
CA GLN B 63 -5.38 -10.01 -5.26
C GLN B 63 -6.46 -9.95 -4.18
N ARG B 64 -6.25 -10.79 -3.16
CA ARG B 64 -7.06 -10.75 -1.96
C ARG B 64 -6.71 -9.54 -1.11
N LEU B 65 -7.61 -9.17 -0.20
CA LEU B 65 -7.37 -8.06 0.72
C LEU B 65 -6.26 -8.42 1.69
N THR B 66 -5.39 -7.46 1.95
CA THR B 66 -4.44 -7.59 3.05
C THR B 66 -4.71 -6.47 4.05
N TYR B 67 -4.15 -6.64 5.25
CA TYR B 67 -4.52 -5.81 6.39
C TYR B 67 -3.32 -5.04 6.93
N VAL B 68 -3.56 -3.76 7.19
CA VAL B 68 -2.60 -2.88 7.87
C VAL B 68 -3.25 -2.46 9.18
N TYR B 69 -2.64 -2.87 10.28
CA TYR B 69 -3.22 -2.65 11.60
C TYR B 69 -2.90 -1.29 12.15
N VAL B 70 -3.91 -0.63 12.70
CA VAL B 70 -3.79 0.77 13.15
C VAL B 70 -4.53 1.00 14.47
N ASP B 71 -4.25 2.14 15.11
CA ASP B 71 -5.07 2.63 16.23
C ASP B 71 -6.37 3.25 15.72
N GLU B 72 -7.29 3.54 16.64
CA GLU B 72 -8.59 4.13 16.32
C GLU B 72 -8.48 5.46 15.59
N VAL B 73 -7.50 6.28 15.98
CA VAL B 73 -7.37 7.64 15.45
C VAL B 73 -6.83 7.60 14.02
N THR B 74 -5.80 6.81 13.81
CA THR B 74 -5.21 6.57 12.50
C THR B 74 -6.22 5.94 11.54
N ALA B 75 -7.07 5.05 12.05
CA ALA B 75 -8.09 4.42 11.22
C ALA B 75 -9.00 5.46 10.55
N GLN B 76 -9.39 6.49 11.30
CA GLN B 76 -10.22 7.55 10.76
C GLN B 76 -9.39 8.52 9.92
N LEU B 77 -8.26 8.98 10.48
CA LEU B 77 -7.40 9.94 9.77
C LEU B 77 -6.97 9.40 8.41
N CYS B 78 -6.47 8.17 8.39
CA CYS B 78 -6.02 7.54 7.15
C CYS B 78 -7.15 6.87 6.37
N GLY B 79 -7.89 5.99 7.04
CA GLY B 79 -8.90 5.17 6.36
C GLY B 79 -9.99 5.94 5.66
N LEU B 80 -10.38 7.09 6.23
CA LEU B 80 -11.44 7.92 5.65
C LEU B 80 -10.93 9.02 4.70
N ASN B 81 -9.63 9.06 4.46
CA ASN B 81 -9.05 10.11 3.63
C ASN B 81 -8.01 9.60 2.63
N ARG B 82 -8.11 8.32 2.28
CA ARG B 82 -7.34 7.76 1.17
C ARG B 82 -5.83 7.90 1.45
N LEU B 83 -5.43 7.52 2.67
CA LEU B 83 -4.04 7.57 3.09
C LEU B 83 -3.65 6.26 3.72
N LEU B 84 -2.41 5.86 3.48
CA LEU B 84 -1.86 4.65 4.06
C LEU B 84 -0.63 5.05 4.87
N PRO B 85 -0.62 4.71 6.17
CA PRO B 85 0.49 5.12 7.03
C PRO B 85 1.64 4.13 6.95
N SER B 86 2.83 4.57 7.31
CA SER B 86 3.95 3.66 7.52
C SER B 86 3.87 3.10 8.94
N ASN B 87 4.46 1.94 9.17
CA ASN B 87 4.42 1.34 10.49
C ASN B 87 5.78 0.73 10.89
N SER B 88 6.81 1.15 10.15
CA SER B 88 8.19 0.77 10.43
C SER B 88 9.10 1.86 9.85
N PRO B 89 10.41 1.82 10.18
CA PRO B 89 11.33 2.85 9.68
C PRO B 89 11.63 2.71 8.19
N ALA B 90 12.32 3.72 7.64
CA ALA B 90 12.61 3.81 6.20
C ALA B 90 11.34 3.78 5.35
N PHE B 91 10.31 4.50 5.81
CA PHE B 91 9.00 4.59 5.13
C PHE B 91 8.32 3.26 4.79
N GLY B 92 8.57 2.24 5.62
CA GLY B 92 8.04 0.91 5.38
C GLY B 92 6.60 0.77 5.86
N THR B 93 5.79 0.09 5.05
CA THR B 93 4.43 -0.28 5.41
C THR B 93 4.27 -1.79 5.33
N VAL B 94 4.04 -2.42 6.48
CA VAL B 94 3.91 -3.88 6.55
C VAL B 94 2.43 -4.24 6.61
N ALA B 95 2.03 -5.15 5.71
CA ALA B 95 0.66 -5.62 5.60
C ALA B 95 0.69 -7.14 5.69
N THR B 96 -0.43 -7.73 6.06
CA THR B 96 -0.49 -9.18 6.22
C THR B 96 -1.84 -9.74 5.75
N ALA B 97 -1.81 -10.98 5.30
CA ALA B 97 -3.01 -11.70 4.95
C ALA B 97 -3.69 -12.19 6.22
N PRO B 99 -5.85 -12.13 9.06
CA PRO B 99 -7.06 -11.30 9.14
C PRO B 99 -7.32 -10.81 10.57
N PRO B 100 -8.10 -9.72 10.71
CA PRO B 100 -8.37 -9.12 12.03
C PRO B 100 -9.10 -10.01 13.05
N TRP B 101 -9.73 -11.10 12.61
CA TRP B 101 -10.46 -12.01 13.51
C TRP B 101 -9.64 -13.19 14.03
N LEU B 102 -8.45 -13.41 13.47
CA LEU B 102 -7.66 -14.59 13.83
C LEU B 102 -7.17 -14.56 15.29
N LEU B 103 -6.54 -13.46 15.68
CA LEU B 103 -6.01 -13.32 17.04
C LEU B 103 -6.60 -12.12 17.75
N ASP B 104 -6.62 -12.19 19.08
CA ASP B 104 -6.87 -11.05 19.95
C ASP B 104 -5.81 -9.99 19.67
N PRO B 105 -6.19 -8.69 19.69
CA PRO B 105 -5.22 -7.60 19.52
C PRO B 105 -3.99 -7.67 20.46
N GLN B 106 -4.14 -8.14 21.68
CA GLN B 106 -2.99 -8.37 22.58
C GLN B 106 -1.97 -9.35 21.98
N GLU B 107 -2.46 -10.42 21.35
CA GLU B 107 -1.62 -11.43 20.72
C GLU B 107 -1.02 -10.94 19.39
N ASN B 109 -0.38 -7.95 18.52
CA ASN B 109 0.63 -6.93 18.81
C ASN B 109 2.03 -7.48 19.04
N ALA B 110 2.12 -8.65 19.68
CA ALA B 110 3.41 -9.31 19.88
C ALA B 110 4.03 -9.70 18.54
N ILE B 111 3.23 -10.25 17.64
CA ILE B 111 3.70 -10.51 16.26
C ILE B 111 4.16 -9.23 15.54
N LEU B 112 3.31 -8.20 15.54
CA LEU B 112 3.61 -6.93 14.88
C LEU B 112 4.90 -6.30 15.41
N GLN B 113 5.09 -6.32 16.72
CA GLN B 113 6.31 -5.79 17.33
C GLN B 113 7.60 -6.47 16.86
N GLN B 114 7.53 -7.77 16.55
CA GLN B 114 8.70 -8.49 16.07
C GLN B 114 8.92 -8.29 14.57
N SER B 115 7.89 -7.83 13.86
CA SER B 115 7.92 -7.62 12.42
C SER B 115 8.29 -6.20 11.97
N CYS B 116 8.06 -5.21 12.85
CA CYS B 116 8.12 -3.79 12.50
C CYS B 116 8.89 -2.96 13.53
N GLY B 117 9.88 -2.23 13.04
CA GLY B 117 10.66 -1.37 13.90
C GLY B 117 9.90 -0.12 14.31
N GLN B 118 10.62 0.79 14.96
CA GLN B 118 10.02 2.06 15.37
C GLN B 118 10.47 3.14 14.40
N GLY B 119 9.68 4.20 14.28
CA GLY B 119 10.04 5.32 13.41
C GLY B 119 9.05 5.61 12.30
N GLY B 120 8.08 4.72 12.12
CA GLY B 120 6.96 4.95 11.22
C GLY B 120 5.85 5.77 11.85
N PHE B 121 4.83 6.08 11.05
CA PHE B 121 3.65 6.80 11.54
C PHE B 121 2.93 6.06 12.68
N VAL B 122 2.78 4.74 12.49
CA VAL B 122 2.24 3.82 13.50
C VAL B 122 3.44 3.10 14.12
N ASN B 123 3.44 2.95 15.45
CA ASN B 123 4.53 2.31 16.19
C ASN B 123 3.92 1.26 17.09
N TYR B 124 4.00 0.00 16.66
CA TYR B 124 3.34 -1.10 17.36
C TYR B 124 3.91 -1.33 18.75
N HIS B 125 5.08 -0.76 19.00
CA HIS B 125 5.79 -0.95 20.26
C HIS B 125 5.11 -0.13 21.35
N HIS B 126 4.12 0.68 20.97
CA HIS B 126 3.25 1.37 21.93
C HIS B 126 2.15 0.45 22.52
N GLY B 127 2.11 -0.80 22.10
CA GLY B 127 1.12 -1.75 22.63
C GLY B 127 -0.11 -1.91 21.74
N PRO B 128 -1.02 -2.84 22.13
CA PRO B 128 -2.16 -3.33 21.32
C PRO B 128 -3.22 -2.29 20.92
N SER B 129 -3.17 -1.08 21.47
CA SER B 129 -4.05 -0.03 21.01
C SER B 129 -3.70 0.35 19.56
N THR B 130 -2.44 0.15 19.18
CA THR B 130 -1.94 0.53 17.84
C THR B 130 -2.34 -0.47 16.75
N ASN B 131 -2.99 -1.56 17.15
CA ASN B 131 -3.49 -2.57 16.21
C ASN B 131 -4.91 -3.01 16.53
N SER B 132 -5.66 -2.16 17.21
CA SER B 132 -7.01 -2.49 17.63
C SER B 132 -8.04 -2.23 16.54
N PHE B 133 -7.58 -1.58 15.47
CA PHE B 133 -8.37 -1.35 14.27
C PHE B 133 -7.56 -1.78 13.07
N PHE B 134 -8.20 -1.84 11.91
CA PHE B 134 -7.48 -2.20 10.69
C PHE B 134 -7.91 -1.39 9.46
N LEU B 135 -7.02 -1.35 8.47
CA LEU B 135 -7.33 -0.91 7.10
C LEU B 135 -7.14 -2.08 6.14
N ALA B 136 -8.07 -2.28 5.22
CA ALA B 136 -7.96 -3.36 4.21
C ALA B 136 -7.67 -2.74 2.87
N ILE B 137 -6.70 -3.30 2.16
CA ILE B 137 -6.19 -2.71 0.92
C ILE B 137 -5.98 -3.79 -0.14
N LEU B 138 -6.01 -3.41 -1.42
CA LEU B 138 -5.29 -4.19 -2.42
C LEU B 138 -3.89 -3.62 -2.48
N SER B 140 -0.08 -2.76 -3.96
CA SER B 140 0.56 -2.40 -5.19
C SER B 140 1.71 -3.35 -5.51
N GLN B 141 2.31 -3.22 -6.70
CA GLN B 141 3.47 -4.03 -7.10
C GLN B 141 4.73 -3.73 -6.27
N LEU B 142 4.72 -2.66 -5.49
CA LEU B 142 5.86 -2.32 -4.63
C LEU B 142 5.91 -3.12 -3.32
N PHE B 143 4.80 -3.76 -2.97
CA PHE B 143 4.80 -4.67 -1.84
C PHE B 143 5.51 -5.95 -2.25
N ILE B 144 6.49 -6.33 -1.46
CA ILE B 144 7.22 -7.58 -1.65
C ILE B 144 6.92 -8.47 -0.45
N ARG B 145 6.77 -9.76 -0.69
CA ARG B 145 6.43 -10.72 0.35
C ARG B 145 7.69 -10.99 1.18
N ILE B 146 7.59 -10.86 2.50
CA ILE B 146 8.76 -10.96 3.39
C ILE B 146 8.80 -12.23 4.27
N ARG B 147 7.65 -12.84 4.49
CA ARG B 147 7.54 -13.99 5.40
C ARG B 147 6.25 -14.74 5.14
N THR B 148 6.24 -16.02 5.50
CA THR B 148 5.01 -16.80 5.62
C THR B 148 4.89 -17.30 7.06
N ASP B 149 3.80 -16.94 7.74
CA ASP B 149 3.48 -17.46 9.08
C ASP B 149 2.39 -18.52 9.01
N VAL B 150 2.62 -19.63 9.69
CA VAL B 150 1.63 -20.70 9.78
C VAL B 150 1.02 -20.66 11.17
N ILE B 151 -0.26 -20.32 11.23
CA ILE B 151 -0.98 -20.31 12.50
C ILE B 151 -2.31 -21.05 12.35
N ARG B 152 -2.50 -22.04 13.21
CA ARG B 152 -3.73 -22.86 13.22
C ARG B 152 -4.04 -23.51 11.85
N GLY B 153 -3.02 -24.10 11.24
CA GLY B 153 -3.18 -24.85 9.99
C GLY B 153 -3.18 -24.08 8.69
N GLN B 154 -3.01 -22.76 8.77
CA GLN B 154 -3.06 -21.88 7.62
C GLN B 154 -1.80 -21.04 7.48
N GLY B 155 -1.35 -20.88 6.23
CA GLY B 155 -0.22 -20.00 5.92
C GLY B 155 -0.72 -18.60 5.60
N TYR B 156 -0.09 -17.60 6.20
CA TYR B 156 -0.40 -16.19 5.98
C TYR B 156 0.85 -15.45 5.53
N GLY B 157 0.75 -14.72 4.42
CA GLY B 157 1.86 -13.95 3.92
C GLY B 157 2.00 -12.63 4.66
N TRP B 158 3.25 -12.24 4.88
CA TRP B 158 3.59 -10.89 5.33
C TRP B 158 4.28 -10.18 4.18
N TYR B 159 3.98 -8.88 4.03
CA TYR B 159 4.44 -8.07 2.90
C TYR B 159 4.92 -6.73 3.40
N ALA B 160 5.84 -6.12 2.66
CA ALA B 160 6.38 -4.81 3.01
C ALA B 160 6.51 -3.92 1.77
N ARG B 161 6.01 -2.70 1.89
CA ARG B 161 6.24 -1.67 0.92
C ARG B 161 7.35 -0.79 1.48
N LEU B 162 8.46 -0.71 0.76
CA LEU B 162 9.68 -0.01 1.22
C LEU B 162 10.18 -0.54 2.57
N GLY B 163 10.73 0.34 3.41
CA GLY B 163 11.29 -0.06 4.70
C GLY B 163 12.58 -0.86 4.56
N ASN B 164 13.07 -1.38 5.68
CA ASN B 164 14.31 -2.16 5.66
C ASN B 164 14.01 -3.66 5.60
N TYR B 165 13.59 -4.13 4.43
CA TYR B 165 13.12 -5.51 4.28
C TYR B 165 13.69 -6.21 3.06
N VAL B 166 13.84 -7.52 3.19
CA VAL B 166 14.27 -8.36 2.08
C VAL B 166 13.18 -9.36 1.73
N GLU B 167 13.06 -9.69 0.46
CA GLU B 167 12.04 -10.61 -0.01
C GLU B 167 12.25 -11.97 0.63
N GLU B 168 11.16 -12.70 0.90
CA GLU B 168 11.33 -14.01 1.51
C GLU B 168 12.08 -14.92 0.57
N GLY B 169 13.18 -15.47 1.08
CA GLY B 169 14.09 -16.27 0.26
C GLY B 169 15.26 -15.43 -0.24
N GLU B 187 17.12 2.35 -8.50
CA GLU B 187 15.68 2.47 -8.65
C GLU B 187 15.34 3.56 -9.66
N THR B 188 14.62 3.19 -10.72
CA THR B 188 14.29 4.10 -11.81
C THR B 188 12.86 4.68 -11.69
N ARG B 189 12.01 3.99 -10.92
CA ARG B 189 10.59 4.29 -10.90
C ARG B 189 10.21 5.45 -9.97
N GLU B 190 9.15 6.16 -10.35
CA GLU B 190 8.58 7.22 -9.52
C GLU B 190 7.45 6.70 -8.62
N PHE B 191 7.59 6.92 -7.31
CA PHE B 191 6.57 6.54 -6.34
C PHE B 191 6.76 7.34 -5.05
N GLN B 192 5.74 7.31 -4.18
CA GLN B 192 5.75 8.11 -2.95
C GLN B 192 6.65 7.50 -1.87
N LEU B 193 7.53 8.32 -1.32
CA LEU B 193 8.37 7.92 -0.21
C LEU B 193 8.04 8.81 0.98
N SER B 194 7.09 8.37 1.80
CA SER B 194 6.56 9.19 2.87
C SER B 194 5.98 8.34 4.00
N ASP B 195 5.80 8.93 5.17
CA ASP B 195 5.17 8.21 6.28
C ASP B 195 3.64 8.11 6.17
N LEU B 196 3.12 8.88 5.23
CA LEU B 196 1.71 8.88 4.87
C LEU B 196 1.65 9.04 3.38
N ILE B 197 1.13 8.05 2.69
CA ILE B 197 1.04 8.13 1.24
C ILE B 197 -0.44 8.16 0.77
N HIS B 198 -0.68 8.80 -0.38
CA HIS B 198 -1.98 8.74 -1.04
C HIS B 198 -2.18 7.31 -1.50
N TYR B 199 -3.26 6.67 -1.09
CA TYR B 199 -3.44 5.24 -1.34
C TYR B 199 -4.90 4.89 -1.11
N PRO B 200 -5.50 4.19 -2.08
CA PRO B 200 -6.93 3.87 -1.89
C PRO B 200 -7.14 2.76 -0.85
N ILE B 201 -8.07 3.01 0.05
CA ILE B 201 -8.38 2.08 1.12
C ILE B 201 -9.72 1.42 0.80
N VAL B 202 -9.78 0.10 0.86
CA VAL B 202 -11.02 -0.62 0.55
C VAL B 202 -12.01 -0.55 1.71
N ALA B 203 -11.51 -0.85 2.91
CA ALA B 203 -12.33 -0.86 4.12
C ALA B 203 -11.51 -0.57 5.37
N LEU B 204 -12.18 -0.08 6.41
CA LEU B 204 -11.61 -0.01 7.76
C LEU B 204 -12.59 -0.70 8.69
N GLY B 205 -12.07 -1.28 9.76
CA GLY B 205 -12.91 -1.92 10.74
C GLY B 205 -12.18 -2.06 12.06
N SER B 206 -12.84 -2.72 13.01
CA SER B 206 -12.30 -2.91 14.34
C SER B 206 -11.73 -4.32 14.45
N CYS B 207 -10.80 -4.51 15.39
CA CYS B 207 -10.26 -5.84 15.63
C CYS B 207 -10.88 -6.47 16.87
N HIS B 208 -11.78 -5.76 17.52
CA HIS B 208 -12.46 -6.31 18.69
C HIS B 208 -13.77 -6.96 18.25
N LEU B 209 -13.66 -8.21 17.85
CA LEU B 209 -14.73 -8.92 17.16
C LEU B 209 -15.23 -10.10 17.96
N THR B 210 -16.49 -10.50 17.72
CA THR B 210 -17.09 -11.64 18.43
C THR B 210 -17.54 -12.75 17.47
N ARG B 211 -17.49 -13.99 17.95
CA ARG B 211 -17.92 -15.15 17.16
C ARG B 211 -19.22 -15.72 17.70
N THR C 5 14.60 -6.08 -35.46
CA THR C 5 14.62 -7.56 -35.27
C THR C 5 14.74 -7.97 -33.80
N VAL C 6 13.79 -8.80 -33.37
CA VAL C 6 13.97 -9.66 -32.22
C VAL C 6 13.81 -11.06 -32.80
N PRO C 7 14.90 -11.84 -32.83
CA PRO C 7 14.81 -13.19 -33.39
C PRO C 7 13.81 -14.06 -32.63
N THR C 8 13.19 -15.01 -33.34
CA THR C 8 12.36 -16.04 -32.70
C THR C 8 13.11 -16.65 -31.51
N TRP C 9 12.39 -16.93 -30.43
CA TRP C 9 13.02 -17.56 -29.27
C TRP C 9 13.32 -19.05 -29.51
N GLN C 10 14.58 -19.43 -29.23
CA GLN C 10 14.98 -20.83 -29.20
C GLN C 10 15.23 -21.22 -27.74
N VAL C 11 14.48 -22.22 -27.27
CA VAL C 11 14.59 -22.71 -25.89
C VAL C 11 16.05 -23.03 -25.50
N ARG C 12 16.40 -22.74 -24.26
CA ARG C 12 17.70 -23.18 -23.73
C ARG C 12 17.55 -24.60 -23.18
N ASP C 13 18.19 -25.54 -23.86
CA ASP C 13 18.19 -26.92 -23.42
C ASP C 13 19.34 -27.05 -22.43
N LEU C 14 19.00 -27.11 -21.14
CA LEU C 14 19.99 -27.13 -20.06
C LEU C 14 20.12 -28.50 -19.40
N ARG C 15 19.69 -29.54 -20.11
CA ARG C 15 19.71 -30.91 -19.61
C ARG C 15 21.10 -31.45 -19.27
N ARG C 16 22.13 -30.89 -19.92
CA ARG C 16 23.51 -31.33 -19.69
C ARG C 16 24.21 -30.60 -18.53
N ILE C 17 23.50 -29.66 -17.91
CA ILE C 17 24.01 -28.92 -16.76
C ILE C 17 23.40 -29.51 -15.49
N LEU C 18 24.20 -30.27 -14.75
CA LEU C 18 23.70 -30.96 -13.56
C LEU C 18 24.23 -30.34 -12.26
N ARG C 19 24.90 -29.20 -12.39
CA ARG C 19 25.47 -28.49 -11.25
C ARG C 19 24.58 -27.30 -10.91
N VAL C 20 24.10 -27.26 -9.67
CA VAL C 20 23.07 -26.29 -9.25
C VAL C 20 23.47 -24.84 -9.48
N SER C 21 24.66 -24.47 -9.00
CA SER C 21 25.17 -23.09 -9.15
C SER C 21 25.28 -22.72 -10.62
N GLU C 22 25.74 -23.69 -11.43
CA GLU C 22 25.88 -23.54 -12.88
C GLU C 22 24.52 -23.43 -13.56
N LEU C 23 23.58 -24.26 -13.15
CA LEU C 23 22.23 -24.24 -13.70
C LEU C 23 21.50 -22.92 -13.45
N ARG C 24 21.68 -22.36 -12.25
CA ARG C 24 21.06 -21.09 -11.87
C ARG C 24 21.53 -19.91 -12.70
N GLN C 25 22.83 -19.86 -13.00
CA GLN C 25 23.38 -18.81 -13.86
C GLN C 25 22.79 -18.90 -15.27
N HIS C 26 22.72 -20.11 -15.80
CA HIS C 26 22.10 -20.36 -17.11
C HIS C 26 20.62 -19.99 -17.11
N LEU C 27 19.91 -20.32 -16.04
CA LEU C 27 18.50 -19.96 -15.93
C LEU C 27 18.29 -18.44 -15.87
N ARG C 28 19.13 -17.72 -15.13
CA ARG C 28 19.13 -16.25 -15.10
C ARG C 28 19.40 -15.63 -16.47
N GLN C 29 20.43 -16.14 -17.15
CA GLN C 29 20.78 -15.68 -18.49
C GLN C 29 19.66 -15.96 -19.50
N ALA C 30 19.08 -17.16 -19.42
CA ALA C 30 17.92 -17.55 -20.22
C ALA C 30 16.73 -16.59 -20.04
N ARG C 31 16.38 -16.26 -18.80
CA ARG C 31 15.30 -15.30 -18.51
C ARG C 31 15.57 -13.94 -19.15
N THR C 32 16.80 -13.43 -18.97
CA THR C 32 17.19 -12.13 -19.53
C THR C 32 17.16 -12.11 -21.05
N ASP C 33 17.71 -13.16 -21.65
CA ASP C 33 17.75 -13.25 -23.11
C ASP C 33 16.33 -13.36 -23.68
N PHE C 34 15.44 -14.05 -22.95
CA PHE C 34 14.05 -14.14 -23.37
C PHE C 34 13.33 -12.79 -23.32
N ARG C 35 13.44 -12.08 -22.20
CA ARG C 35 12.87 -10.74 -22.12
C ARG C 35 13.41 -9.87 -23.25
N SER C 36 14.69 -10.03 -23.55
CA SER C 36 15.43 -9.16 -24.46
C SER C 36 14.94 -7.72 -24.39
N THR C 37 14.27 -7.28 -25.45
CA THR C 37 13.99 -5.86 -25.71
C THR C 37 12.48 -5.53 -25.68
N LEU C 38 11.70 -6.55 -25.32
CA LEU C 38 10.24 -6.51 -25.26
C LEU C 38 9.71 -5.83 -24.01
N SER C 39 8.45 -5.42 -24.07
CA SER C 39 7.79 -4.81 -22.94
C SER C 39 7.50 -5.84 -21.82
N GLN C 40 6.80 -5.37 -20.80
CA GLN C 40 6.33 -6.20 -19.71
C GLN C 40 5.25 -7.20 -20.08
N PHE C 41 4.65 -7.06 -21.26
CA PHE C 41 3.58 -7.97 -21.69
C PHE C 41 3.92 -8.56 -23.03
N VAL C 42 4.23 -9.84 -23.00
CA VAL C 42 4.66 -10.54 -24.20
C VAL C 42 3.54 -11.46 -24.64
N TYR C 43 2.96 -11.12 -25.79
CA TYR C 43 1.96 -11.96 -26.41
C TYR C 43 2.65 -12.94 -27.35
N PHE C 44 1.99 -14.07 -27.63
CA PHE C 44 2.67 -15.17 -28.31
C PHE C 44 1.74 -16.01 -29.18
N ASN C 45 0.48 -16.07 -28.81
CA ASN C 45 -0.43 -16.94 -29.58
C ASN C 45 -1.37 -16.13 -30.45
N ARG C 46 -1.35 -16.42 -31.75
CA ARG C 46 -2.16 -15.69 -32.74
C ARG C 46 -3.65 -15.91 -32.53
N SER C 47 -4.41 -14.83 -32.70
CA SER C 47 -5.84 -14.86 -32.60
C SER C 47 -6.49 -15.52 -33.83
N VAL C 48 -7.48 -16.36 -33.57
CA VAL C 48 -8.36 -16.93 -34.61
C VAL C 48 -9.52 -15.95 -34.84
N VAL C 49 -10.04 -15.43 -33.74
CA VAL C 49 -11.22 -14.60 -33.69
C VAL C 49 -10.95 -13.15 -34.13
N ASN C 50 -9.71 -12.70 -33.94
CA ASN C 50 -9.28 -11.41 -34.48
C ASN C 50 -8.01 -11.56 -35.31
N PRO C 51 -8.16 -12.11 -36.52
CA PRO C 51 -6.96 -12.42 -37.28
C PRO C 51 -6.07 -11.19 -37.50
N ASN C 52 -4.77 -11.43 -37.52
CA ASN C 52 -3.73 -10.39 -37.61
C ASN C 52 -3.29 -9.86 -36.25
N ALA C 53 -3.98 -10.30 -35.20
CA ALA C 53 -3.65 -9.91 -33.83
C ALA C 53 -3.28 -11.14 -33.00
N TYR C 54 -2.73 -10.90 -31.80
CA TYR C 54 -2.52 -11.97 -30.86
C TYR C 54 -3.79 -12.15 -30.07
N ASP C 55 -3.96 -13.33 -29.50
CA ASP C 55 -5.08 -13.59 -28.58
C ASP C 55 -4.88 -12.81 -27.25
N ASP C 56 -5.66 -13.12 -26.23
CA ASP C 56 -5.64 -12.29 -25.01
C ASP C 56 -4.61 -12.64 -23.93
N GLU C 57 -3.81 -13.69 -24.15
CA GLU C 57 -2.85 -14.16 -23.16
C GLU C 57 -1.45 -13.57 -23.34
N TYR C 58 -0.91 -12.98 -22.28
CA TYR C 58 0.42 -12.41 -22.35
C TYR C 58 1.27 -12.85 -21.19
N LEU C 59 2.55 -13.07 -21.45
CA LEU C 59 3.51 -13.38 -20.40
C LEU C 59 3.84 -12.13 -19.60
N LEU C 60 3.80 -12.23 -18.28
CA LEU C 60 4.22 -11.12 -17.42
C LEU C 60 5.73 -11.23 -17.30
N SER C 61 6.43 -10.48 -18.13
CA SER C 61 7.86 -10.71 -18.34
C SER C 61 8.80 -10.23 -17.23
N ASP C 62 8.35 -9.35 -16.34
CA ASP C 62 9.23 -8.89 -15.26
C ASP C 62 9.06 -9.69 -13.95
N GLN C 63 8.60 -10.93 -14.08
CA GLN C 63 8.50 -11.82 -12.94
C GLN C 63 9.60 -12.90 -13.06
N ARG C 64 9.85 -13.62 -11.97
CA ARG C 64 10.80 -14.75 -11.94
C ARG C 64 10.28 -15.99 -12.65
N LEU C 65 11.19 -16.84 -13.10
CA LEU C 65 10.83 -18.14 -13.69
C LEU C 65 10.15 -19.04 -12.68
N THR C 66 9.17 -19.79 -13.15
CA THR C 66 8.56 -20.87 -12.36
C THR C 66 8.69 -22.16 -13.17
N TYR C 67 8.38 -23.28 -12.54
CA TYR C 67 8.72 -24.58 -13.05
C TYR C 67 7.51 -25.46 -13.25
N VAL C 68 7.47 -26.15 -14.38
CA VAL C 68 6.46 -27.17 -14.67
C VAL C 68 7.21 -28.50 -14.81
N TYR C 69 6.87 -29.45 -13.94
CA TYR C 69 7.59 -30.71 -13.85
C TYR C 69 7.08 -31.75 -14.84
N VAL C 70 8.02 -32.39 -15.53
CA VAL C 70 7.74 -33.27 -16.67
C VAL C 70 8.70 -34.48 -16.73
N ASP C 71 8.36 -35.49 -17.53
CA ASP C 71 9.35 -36.53 -17.88
C ASP C 71 10.20 -36.06 -19.06
N GLU C 72 11.27 -36.79 -19.36
CA GLU C 72 12.23 -36.34 -20.37
C GLU C 72 11.57 -36.24 -21.75
N VAL C 73 10.76 -37.22 -22.10
CA VAL C 73 10.07 -37.23 -23.38
C VAL C 73 9.14 -36.01 -23.53
N THR C 74 8.28 -35.75 -22.55
CA THR C 74 7.42 -34.55 -22.55
C THR C 74 8.25 -33.25 -22.58
N ALA C 75 9.42 -33.27 -21.94
CA ALA C 75 10.32 -32.11 -21.92
C ALA C 75 10.87 -31.81 -23.30
N GLN C 76 11.15 -32.87 -24.06
CA GLN C 76 11.57 -32.79 -25.44
C GLN C 76 10.43 -32.32 -26.34
N LEU C 77 9.26 -32.94 -26.21
CA LEU C 77 8.09 -32.56 -26.99
C LEU C 77 7.75 -31.07 -26.80
N CYS C 78 7.57 -30.68 -25.55
CA CYS C 78 7.10 -29.34 -25.21
C CYS C 78 8.20 -28.31 -25.34
N GLY C 79 9.32 -28.57 -24.66
CA GLY C 79 10.47 -27.66 -24.66
C GLY C 79 10.93 -27.25 -26.04
N LEU C 80 11.01 -28.21 -26.96
CA LEU C 80 11.60 -27.96 -28.28
C LEU C 80 10.61 -27.53 -29.36
N ASN C 81 9.31 -27.57 -29.02
CA ASN C 81 8.26 -27.21 -29.99
C ASN C 81 7.32 -26.13 -29.52
N ARG C 82 7.76 -25.35 -28.52
CA ARG C 82 7.00 -24.21 -27.96
C ARG C 82 5.61 -24.63 -27.51
N LEU C 83 5.57 -25.66 -26.67
CA LEU C 83 4.32 -26.16 -26.15
C LEU C 83 4.37 -26.24 -24.64
N LEU C 84 3.22 -26.10 -24.01
CA LEU C 84 3.10 -26.31 -22.57
C LEU C 84 2.02 -27.38 -22.35
N PRO C 85 2.33 -28.42 -21.54
CA PRO C 85 1.33 -29.47 -21.33
C PRO C 85 0.44 -29.21 -20.10
N SER C 86 -0.79 -29.73 -20.12
CA SER C 86 -1.56 -29.82 -18.89
C SER C 86 -0.98 -30.94 -17.98
N ASN C 87 -1.18 -30.81 -16.68
CA ASN C 87 -0.78 -31.85 -15.73
C ASN C 87 -1.87 -32.14 -14.70
N SER C 88 -3.08 -31.70 -15.04
CA SER C 88 -4.29 -31.94 -14.24
C SER C 88 -5.51 -31.85 -15.15
N PRO C 89 -6.68 -32.32 -14.67
CA PRO C 89 -7.85 -32.32 -15.57
C PRO C 89 -8.42 -30.91 -15.81
N ALA C 90 -9.39 -30.83 -16.72
CA ALA C 90 -9.97 -29.58 -17.18
C ALA C 90 -8.87 -28.61 -17.69
N PHE C 91 -7.87 -29.20 -18.35
CA PHE C 91 -6.85 -28.47 -19.09
C PHE C 91 -5.96 -27.61 -18.20
N GLY C 92 -5.79 -28.03 -16.95
CA GLY C 92 -5.01 -27.25 -15.99
C GLY C 92 -3.52 -27.49 -16.09
N THR C 93 -2.75 -26.42 -15.93
CA THR C 93 -1.30 -26.54 -15.79
C THR C 93 -0.87 -25.94 -14.47
N VAL C 94 -0.29 -26.78 -13.62
CA VAL C 94 0.23 -26.36 -12.34
C VAL C 94 1.74 -26.11 -12.41
N ALA C 95 2.13 -24.91 -12.01
CA ALA C 95 3.52 -24.50 -11.96
C ALA C 95 3.89 -24.08 -10.53
N THR C 96 5.18 -24.01 -10.23
CA THR C 96 5.63 -23.63 -8.88
C THR C 96 6.94 -22.87 -8.86
N ALA C 97 7.08 -21.98 -7.87
CA ALA C 97 8.37 -21.35 -7.55
C ALA C 97 9.39 -22.33 -6.98
N PRO C 99 12.08 -24.73 -6.91
CA PRO C 99 13.07 -24.99 -7.94
C PRO C 99 13.50 -26.48 -8.02
N PRO C 100 14.00 -26.92 -9.20
CA PRO C 100 14.29 -28.35 -9.50
C PRO C 100 15.30 -29.00 -8.58
N TRP C 101 16.07 -28.18 -7.87
CA TRP C 101 17.11 -28.66 -6.97
C TRP C 101 16.68 -28.66 -5.50
N LEU C 102 15.47 -28.20 -5.19
CA LEU C 102 15.07 -28.16 -3.80
C LEU C 102 14.86 -29.57 -3.23
N LEU C 103 14.04 -30.37 -3.91
CA LEU C 103 13.71 -31.69 -3.41
C LEU C 103 14.16 -32.76 -4.39
N ASP C 104 14.36 -33.96 -3.88
CA ASP C 104 14.61 -35.07 -4.80
C ASP C 104 13.26 -35.43 -5.45
N PRO C 105 13.28 -36.01 -6.67
CA PRO C 105 12.02 -36.23 -7.36
C PRO C 105 10.99 -37.12 -6.65
N GLN C 106 11.40 -38.01 -5.75
CA GLN C 106 10.44 -38.81 -4.99
C GLN C 106 9.53 -37.94 -4.11
N GLU C 107 10.14 -37.00 -3.37
CA GLU C 107 9.41 -36.05 -2.53
C GLU C 107 8.58 -35.08 -3.37
N ASN C 109 7.38 -35.67 -6.19
CA ASN C 109 6.25 -36.45 -6.69
C ASN C 109 5.10 -36.55 -5.68
N ALA C 110 5.41 -36.76 -4.40
CA ALA C 110 4.38 -36.84 -3.36
C ALA C 110 3.60 -35.53 -3.33
N ILE C 111 4.31 -34.42 -3.55
CA ILE C 111 3.69 -33.11 -3.50
C ILE C 111 2.77 -32.99 -4.72
N LEU C 112 3.31 -33.28 -5.90
CA LEU C 112 2.57 -33.24 -7.17
C LEU C 112 1.32 -34.13 -7.21
N GLN C 113 1.42 -35.38 -6.73
CA GLN C 113 0.26 -36.27 -6.70
C GLN C 113 -0.90 -35.70 -5.88
N GLN C 114 -0.57 -35.03 -4.78
CA GLN C 114 -1.57 -34.37 -3.96
C GLN C 114 -2.12 -33.11 -4.62
N SER C 115 -1.27 -32.42 -5.39
CA SER C 115 -1.65 -31.17 -6.04
C SER C 115 -2.54 -31.34 -7.25
N CYS C 116 -2.31 -32.41 -8.02
CA CYS C 116 -2.84 -32.52 -9.38
C CYS C 116 -3.54 -33.83 -9.59
N GLY C 117 -4.73 -33.74 -10.18
CA GLY C 117 -5.49 -34.93 -10.51
C GLY C 117 -5.00 -35.63 -11.75
N GLN C 118 -5.67 -36.72 -12.09
CA GLN C 118 -5.34 -37.47 -13.30
C GLN C 118 -6.20 -36.90 -14.40
N GLY C 119 -5.76 -37.02 -15.65
CA GLY C 119 -6.56 -36.57 -16.76
C GLY C 119 -5.96 -35.48 -17.65
N GLY C 120 -4.80 -34.94 -17.28
CA GLY C 120 -4.08 -34.00 -18.16
C GLY C 120 -3.05 -34.72 -19.02
N PHE C 121 -2.26 -33.98 -19.78
CA PHE C 121 -1.26 -34.57 -20.68
C PHE C 121 -0.19 -35.30 -19.85
N VAL C 122 0.26 -34.65 -18.78
CA VAL C 122 1.17 -35.24 -17.80
C VAL C 122 0.35 -35.73 -16.59
N ASN C 123 0.63 -36.96 -16.16
CA ASN C 123 -0.08 -37.54 -15.03
C ASN C 123 0.93 -37.96 -13.96
N TYR C 124 1.05 -37.14 -12.91
CA TYR C 124 2.02 -37.39 -11.84
C TYR C 124 1.74 -38.66 -11.02
N HIS C 125 0.54 -39.21 -11.15
CA HIS C 125 0.20 -40.43 -10.43
C HIS C 125 0.86 -41.67 -11.02
N HIS C 126 1.51 -41.51 -12.17
CA HIS C 126 2.35 -42.57 -12.73
C HIS C 126 3.70 -42.64 -12.00
N GLY C 127 3.97 -41.68 -11.14
CA GLY C 127 5.14 -41.74 -10.25
C GLY C 127 6.27 -40.81 -10.64
N PRO C 128 7.37 -40.84 -9.87
CA PRO C 128 8.44 -39.82 -9.95
C PRO C 128 9.10 -39.58 -11.30
N SER C 129 9.13 -40.55 -12.19
CA SER C 129 9.70 -40.30 -13.52
C SER C 129 8.96 -39.15 -14.24
N THR C 130 7.71 -38.90 -13.88
CA THR C 130 6.92 -37.83 -14.51
C THR C 130 7.31 -36.42 -14.07
N ASN C 131 8.23 -36.30 -13.10
CA ASN C 131 8.70 -34.99 -12.63
C ASN C 131 10.23 -34.93 -12.53
N SER C 132 10.92 -35.77 -13.29
CA SER C 132 12.38 -35.82 -13.20
C SER C 132 13.08 -34.80 -14.12
N PHE C 133 12.30 -34.14 -14.95
CA PHE C 133 12.78 -33.06 -15.76
C PHE C 133 11.88 -31.85 -15.52
N PHE C 134 12.28 -30.71 -16.04
CA PHE C 134 11.50 -29.51 -15.80
C PHE C 134 11.45 -28.61 -17.03
N LEU C 135 10.36 -27.86 -17.13
CA LEU C 135 10.24 -26.72 -18.03
C LEU C 135 10.25 -25.47 -17.18
N ALA C 136 11.12 -24.53 -17.52
CA ALA C 136 11.13 -23.21 -16.88
C ALA C 136 10.38 -22.22 -17.78
N ILE C 137 9.43 -21.48 -17.17
CA ILE C 137 8.53 -20.60 -17.91
C ILE C 137 8.36 -19.26 -17.20
N LEU C 138 7.99 -18.24 -17.97
CA LEU C 138 7.35 -17.06 -17.42
C LEU C 138 5.87 -17.31 -17.51
N SER C 140 1.83 -16.46 -17.61
CA SER C 140 0.90 -15.46 -18.14
C SER C 140 -0.03 -14.97 -17.03
N GLN C 141 -0.91 -14.02 -17.35
CA GLN C 141 -1.89 -13.51 -16.36
C GLN C 141 -2.99 -14.48 -16.03
N LEU C 142 -3.10 -15.55 -16.80
CA LEU C 142 -4.07 -16.60 -16.53
C LEU C 142 -3.70 -17.54 -15.37
N PHE C 143 -2.42 -17.52 -14.96
CA PHE C 143 -1.96 -18.34 -13.83
C PHE C 143 -2.37 -17.63 -12.54
N ILE C 144 -3.03 -18.37 -11.65
CA ILE C 144 -3.42 -17.79 -10.36
C ILE C 144 -2.68 -18.53 -9.25
N ARG C 145 -2.36 -17.83 -8.15
CA ARG C 145 -1.74 -18.50 -7.00
C ARG C 145 -2.74 -19.39 -6.26
N ILE C 146 -2.39 -20.65 -6.06
CA ILE C 146 -3.30 -21.62 -5.46
C ILE C 146 -2.87 -22.07 -4.05
N ARG C 147 -1.57 -21.99 -3.73
CA ARG C 147 -1.04 -22.53 -2.49
C ARG C 147 0.34 -21.99 -2.14
N THR C 148 0.68 -21.99 -0.86
CA THR C 148 2.06 -21.76 -0.43
C THR C 148 2.54 -22.96 0.38
N ASP C 149 3.69 -23.51 -0.02
CA ASP C 149 4.32 -24.60 0.73
C ASP C 149 5.55 -24.08 1.46
N VAL C 150 5.56 -24.23 2.78
CA VAL C 150 6.70 -23.80 3.56
C VAL C 150 7.69 -24.96 3.72
N ILE C 151 8.93 -24.74 3.28
CA ILE C 151 10.02 -25.69 3.47
C ILE C 151 11.20 -24.95 4.09
N ARG C 152 11.62 -25.43 5.26
CA ARG C 152 12.70 -24.82 6.07
C ARG C 152 12.55 -23.29 6.23
N GLY C 153 11.35 -22.87 6.60
CA GLY C 153 11.04 -21.46 6.86
C GLY C 153 10.74 -20.59 5.66
N GLN C 154 10.79 -21.17 4.46
CA GLN C 154 10.57 -20.42 3.23
C GLN C 154 9.31 -20.90 2.51
N GLY C 155 8.47 -19.93 2.12
CA GLY C 155 7.24 -20.20 1.39
C GLY C 155 7.50 -20.24 -0.10
N TYR C 156 6.95 -21.27 -0.76
CA TYR C 156 7.00 -21.40 -2.22
C TYR C 156 5.58 -21.42 -2.80
N GLY C 157 5.34 -20.52 -3.74
CA GLY C 157 4.06 -20.44 -4.41
C GLY C 157 3.78 -21.56 -5.38
N TRP C 158 2.53 -22.00 -5.40
CA TRP C 158 2.01 -22.89 -6.43
C TRP C 158 0.98 -22.10 -7.22
N TYR C 159 0.97 -22.32 -8.52
CA TYR C 159 0.11 -21.55 -9.44
C TYR C 159 -0.55 -22.51 -10.40
N ALA C 160 -1.74 -22.14 -10.86
CA ALA C 160 -2.45 -22.95 -11.84
C ALA C 160 -2.96 -22.09 -12.96
N ARG C 161 -2.77 -22.55 -14.19
CA ARG C 161 -3.45 -22.00 -15.35
C ARG C 161 -4.62 -22.93 -15.66
N LEU C 162 -5.84 -22.37 -15.60
CA LEU C 162 -7.10 -23.13 -15.69
C LEU C 162 -7.21 -24.27 -14.66
N GLY C 163 -7.82 -25.39 -15.05
CA GLY C 163 -8.03 -26.52 -14.15
C GLY C 163 -9.18 -26.28 -13.20
N ASN C 164 -9.34 -27.17 -12.24
CA ASN C 164 -10.34 -27.01 -11.21
C ASN C 164 -9.62 -26.53 -9.95
N TYR C 165 -9.32 -25.23 -9.93
CA TYR C 165 -8.53 -24.62 -8.87
C TYR C 165 -9.13 -23.29 -8.44
N VAL C 166 -8.98 -22.97 -7.16
CA VAL C 166 -9.39 -21.67 -6.62
C VAL C 166 -8.16 -20.92 -6.09
N GLU C 167 -8.26 -19.59 -6.03
CA GLU C 167 -7.19 -18.76 -5.49
C GLU C 167 -6.80 -19.22 -4.09
N GLU C 168 -5.50 -19.11 -3.77
CA GLU C 168 -5.04 -19.34 -2.40
C GLU C 168 -5.84 -18.43 -1.46
N GLY C 169 -6.33 -19.00 -0.36
CA GLY C 169 -7.06 -18.22 0.63
C GLY C 169 -8.57 -18.34 0.58
N GLU C 170 -9.12 -18.64 -0.60
CA GLU C 170 -10.55 -18.88 -0.76
C GLU C 170 -10.98 -20.20 -0.12
N GLU C 187 -16.57 -16.19 -19.17
CA GLU C 187 -15.28 -15.84 -19.76
C GLU C 187 -15.48 -15.16 -21.11
N THR C 188 -14.89 -13.97 -21.28
CA THR C 188 -14.95 -13.29 -22.58
C THR C 188 -13.62 -13.40 -23.34
N ARG C 189 -12.52 -13.65 -22.62
CA ARG C 189 -11.18 -13.59 -23.22
C ARG C 189 -10.89 -14.75 -24.19
N GLU C 190 -10.10 -14.47 -25.22
CA GLU C 190 -9.66 -15.51 -26.15
C GLU C 190 -8.31 -16.08 -25.69
N PHE C 191 -8.32 -17.35 -25.31
CA PHE C 191 -7.10 -18.05 -24.96
C PHE C 191 -7.28 -19.54 -25.23
N GLN C 192 -6.20 -20.29 -25.14
CA GLN C 192 -6.19 -21.70 -25.51
C GLN C 192 -6.69 -22.60 -24.38
N LEU C 193 -7.48 -23.59 -24.77
CA LEU C 193 -7.99 -24.62 -23.91
C LEU C 193 -7.62 -25.93 -24.58
N SER C 194 -6.52 -26.55 -24.16
CA SER C 194 -6.18 -27.93 -24.57
C SER C 194 -5.06 -28.52 -23.70
N ASP C 195 -4.78 -29.80 -23.93
CA ASP C 195 -3.77 -30.52 -23.16
C ASP C 195 -2.33 -30.20 -23.58
N LEU C 196 -2.17 -29.62 -24.76
CA LEU C 196 -0.90 -29.06 -25.20
C LEU C 196 -1.18 -27.72 -25.85
N ILE C 197 -0.73 -26.64 -25.21
CA ILE C 197 -0.97 -25.31 -25.77
C ILE C 197 0.30 -24.71 -26.35
N HIS C 198 0.14 -23.86 -27.35
CA HIS C 198 1.24 -23.04 -27.84
C HIS C 198 1.62 -22.04 -26.72
N TYR C 199 2.88 -22.09 -26.30
CA TYR C 199 3.35 -21.34 -25.14
C TYR C 199 4.89 -21.30 -25.15
N PRO C 200 5.50 -20.12 -25.02
CA PRO C 200 6.97 -20.03 -25.01
C PRO C 200 7.64 -20.72 -23.79
N ILE C 201 8.59 -21.59 -24.07
CA ILE C 201 9.39 -22.20 -23.02
C ILE C 201 10.74 -21.51 -22.98
N VAL C 202 11.11 -21.01 -21.82
CA VAL C 202 12.39 -20.33 -21.65
C VAL C 202 13.55 -21.34 -21.63
N ALA C 203 13.43 -22.36 -20.80
CA ALA C 203 14.46 -23.39 -20.68
C ALA C 203 13.88 -24.74 -20.36
N LEU C 204 14.62 -25.80 -20.65
CA LEU C 204 14.29 -27.13 -20.14
C LEU C 204 15.52 -27.71 -19.44
N GLY C 205 15.32 -28.61 -18.49
CA GLY C 205 16.45 -29.25 -17.83
C GLY C 205 16.11 -30.45 -16.99
N SER C 206 17.14 -30.98 -16.33
CA SER C 206 17.03 -32.17 -15.48
C SER C 206 16.85 -31.83 -14.00
N CYS C 207 16.12 -32.68 -13.29
CA CYS C 207 16.01 -32.58 -11.83
C CYS C 207 17.02 -33.46 -11.09
N HIS C 208 17.90 -34.13 -11.84
CA HIS C 208 18.98 -34.90 -11.23
C HIS C 208 20.26 -34.06 -11.11
N LEU C 209 20.28 -33.26 -10.07
CA LEU C 209 21.30 -32.22 -9.91
C LEU C 209 22.21 -32.50 -8.70
N THR C 210 23.22 -31.66 -8.49
CA THR C 210 24.08 -31.69 -7.30
C THR C 210 24.60 -30.31 -6.94
#